data_5B62
#
_entry.id   5B62
#
_cell.length_a   133.796
_cell.length_b   133.796
_cell.length_c   118.896
_cell.angle_alpha   90.00
_cell.angle_beta   90.00
_cell.angle_gamma   90.00
#
_symmetry.space_group_name_H-M   'I 41 2 2'
#
loop_
_entity.id
_entity.type
_entity.pdbx_description
1 polymer Nta1p
2 polymer ASN-GLU-ALA
3 water water
#
loop_
_entity_poly.entity_id
_entity_poly.type
_entity_poly.pdbx_seq_one_letter_code
_entity_poly.pdbx_strand_id
1 'polypeptide(L)'
;GSMLIDAIHGAKMSTKLLVSLKVLVIQLNPQIGQVDQTIKRTWSILDKVTKSATYVKPDIILFPEFALTGYSFHARKDIL
PYVTKKDEGPSFELAKSISEKFQCYTIIGYPEEDDEQKLYNSALVVNPQGGQIFNYRKTFLYDTEMNWDCEENPEGFQTF
PMDFSKCAKLSNEDSYNRDVTLKASIGISMDLSPYKFMAPFNHFEFSSFCVDNNVELILCPMAWLNSTSITDKQTLHNNS
LLEAAKNKIAFALKEQGLPLAGSQGIYQLKIGDSQRTPRVPSDDSTSEYKDMDEPDMSNVNYWILRFFPFLYFKLRINWF
KNSSLIESILGKTRMPLDHEYYKDGKHKEDTIDLLDSEEVIKDTVLEKTFLGTSLGQPWKFQGKNAILVLANRCGTEDGT
TIFAGSSGIYKFNGKKPKGSQDDDESSLDSLNESVELLGNLGKGLEGAILREVQFEVFR
;
A
2 'polypeptide(L)' NEA B
#
# COMPACT_ATOMS: atom_id res chain seq x y z
N THR A 15 -6.58 28.94 3.70
CA THR A 15 -7.71 28.42 2.93
C THR A 15 -7.79 26.90 3.01
N LYS A 16 -9.02 26.38 3.01
CA LYS A 16 -9.25 24.95 3.11
C LYS A 16 -10.11 24.43 1.98
N LEU A 17 -9.55 23.57 1.15
CA LEU A 17 -10.26 22.99 0.01
C LEU A 17 -10.86 21.63 0.35
N LEU A 18 -12.08 21.39 -0.11
CA LEU A 18 -12.70 20.09 0.04
C LEU A 18 -12.52 19.28 -1.23
N VAL A 19 -11.87 18.12 -1.11
CA VAL A 19 -11.58 17.28 -2.26
C VAL A 19 -12.47 16.04 -2.28
N SER A 20 -12.99 15.73 -3.47
CA SER A 20 -13.80 14.53 -3.66
C SER A 20 -13.18 13.65 -4.75
N LEU A 21 -12.55 12.56 -4.33
CA LEU A 21 -11.83 11.70 -5.25
C LEU A 21 -12.54 10.36 -5.44
N LYS A 22 -12.48 9.83 -6.66
CA LYS A 22 -13.09 8.54 -6.97
C LYS A 22 -12.01 7.49 -7.17
N VAL A 23 -11.79 6.67 -6.14
CA VAL A 23 -10.69 5.70 -6.16
C VAL A 23 -11.14 4.31 -6.56
N LEU A 24 -10.36 3.69 -7.46
CA LEU A 24 -10.65 2.32 -7.91
C LEU A 24 -9.43 1.43 -7.67
N VAL A 25 -9.64 0.36 -6.93
CA VAL A 25 -8.56 -0.58 -6.62
C VAL A 25 -8.79 -1.93 -7.27
N ILE A 26 -7.77 -2.42 -7.98
CA ILE A 26 -7.86 -3.72 -8.64
C ILE A 26 -7.10 -4.78 -7.85
N GLN A 27 -7.79 -5.88 -7.56
CA GLN A 27 -7.18 -6.99 -6.84
C GLN A 27 -7.07 -8.21 -7.75
N LEU A 28 -5.83 -8.61 -8.05
CA LEU A 28 -5.58 -9.70 -9.00
C LEU A 28 -4.81 -10.86 -8.36
N ASN A 29 -4.91 -12.02 -9.00
CA ASN A 29 -4.14 -13.20 -8.59
C ASN A 29 -3.18 -13.62 -9.70
N PRO A 30 -2.12 -12.81 -9.90
CA PRO A 30 -1.15 -13.06 -10.98
C PRO A 30 -0.21 -14.22 -10.67
N GLN A 31 -0.11 -15.16 -11.61
CA GLN A 31 0.81 -16.28 -11.48
C GLN A 31 1.95 -16.12 -12.48
N ILE A 32 3.14 -16.55 -12.07
CA ILE A 32 4.33 -16.41 -12.91
C ILE A 32 4.18 -17.17 -14.22
N GLY A 33 4.23 -16.44 -15.34
CA GLY A 33 4.13 -17.05 -16.66
C GLY A 33 2.78 -16.86 -17.32
N GLN A 34 1.90 -16.11 -16.66
CA GLN A 34 0.56 -15.87 -17.19
C GLN A 34 0.28 -14.39 -17.38
N VAL A 35 1.28 -13.66 -17.85
CA VAL A 35 1.14 -12.22 -18.04
C VAL A 35 -0.01 -11.87 -18.96
N ASP A 36 -0.01 -12.48 -20.15
CA ASP A 36 -1.06 -12.23 -21.14
C ASP A 36 -2.44 -12.58 -20.60
N GLN A 37 -2.53 -13.68 -19.86
CA GLN A 37 -3.79 -14.12 -19.29
C GLN A 37 -4.26 -13.17 -18.20
N THR A 38 -3.31 -12.54 -17.52
CA THR A 38 -3.64 -11.56 -16.50
C THR A 38 -4.07 -10.25 -17.16
N ILE A 39 -3.52 -9.97 -18.34
CA ILE A 39 -3.93 -8.80 -19.10
C ILE A 39 -5.38 -8.93 -19.53
N LYS A 40 -5.74 -10.11 -20.02
CA LYS A 40 -7.09 -10.39 -20.48
C LYS A 40 -8.11 -10.28 -19.35
N ARG A 41 -7.77 -10.87 -18.20
CA ARG A 41 -8.66 -10.84 -17.05
C ARG A 41 -8.82 -9.44 -16.50
N THR A 42 -7.80 -8.60 -16.68
CA THR A 42 -7.85 -7.22 -16.21
C THR A 42 -8.85 -6.39 -17.01
N TRP A 43 -8.81 -6.55 -18.33
CA TRP A 43 -9.76 -5.86 -19.19
C TRP A 43 -11.17 -6.41 -18.96
N SER A 44 -11.24 -7.67 -18.53
CA SER A 44 -12.51 -8.29 -18.21
C SER A 44 -13.13 -7.66 -16.97
N ILE A 45 -12.29 -7.34 -16.00
CA ILE A 45 -12.75 -6.70 -14.76
C ILE A 45 -13.20 -5.28 -15.01
N LEU A 46 -12.36 -4.51 -15.70
CA LEU A 46 -12.67 -3.12 -16.00
C LEU A 46 -13.93 -2.99 -16.86
N ASP A 47 -14.16 -3.99 -17.70
CA ASP A 47 -15.36 -4.03 -18.53
C ASP A 47 -16.61 -4.21 -17.67
N LYS A 48 -16.50 -5.06 -16.66
CA LYS A 48 -17.61 -5.30 -15.74
C LYS A 48 -17.83 -4.11 -14.81
N VAL A 49 -16.76 -3.40 -14.50
CA VAL A 49 -16.83 -2.24 -13.61
C VAL A 49 -17.65 -1.12 -14.24
N THR A 50 -17.45 -0.90 -15.54
CA THR A 50 -18.16 0.15 -16.26
C THR A 50 -19.63 -0.21 -16.43
N LYS A 51 -19.94 -1.50 -16.35
CA LYS A 51 -21.31 -1.97 -16.50
C LYS A 51 -22.02 -2.06 -15.15
N SER A 52 -21.40 -1.47 -14.13
CA SER A 52 -21.98 -1.46 -12.79
C SER A 52 -23.12 -0.45 -12.71
N ALA A 53 -24.11 -0.75 -11.87
CA ALA A 53 -25.27 0.14 -11.71
C ALA A 53 -24.86 1.47 -11.10
N THR A 54 -23.91 1.43 -10.17
CA THR A 54 -23.44 2.63 -9.49
C THR A 54 -22.01 2.97 -9.89
N TYR A 55 -21.72 2.84 -11.18
CA TYR A 55 -20.37 3.12 -11.68
C TYR A 55 -20.12 4.61 -11.90
N VAL A 56 -18.90 5.04 -11.60
CA VAL A 56 -18.46 6.39 -11.90
C VAL A 56 -17.00 6.35 -12.36
N LYS A 57 -16.61 7.29 -13.22
CA LYS A 57 -15.27 7.31 -13.76
C LYS A 57 -14.24 7.58 -12.66
N PRO A 58 -13.37 6.60 -12.39
CA PRO A 58 -12.34 6.74 -11.35
C PRO A 58 -11.29 7.78 -11.72
N ASP A 59 -10.82 8.53 -10.72
CA ASP A 59 -9.77 9.50 -10.93
C ASP A 59 -8.40 8.83 -10.82
N ILE A 60 -8.34 7.75 -10.05
CA ILE A 60 -7.10 7.02 -9.85
C ILE A 60 -7.34 5.53 -9.69
N ILE A 61 -6.57 4.72 -10.42
CA ILE A 61 -6.69 3.27 -10.34
C ILE A 61 -5.38 2.66 -9.82
N LEU A 62 -5.48 1.80 -8.83
CA LEU A 62 -4.31 1.23 -8.20
C LEU A 62 -4.24 -0.30 -8.38
N PHE A 63 -3.07 -0.78 -8.78
CA PHE A 63 -2.82 -2.21 -8.91
C PHE A 63 -1.88 -2.68 -7.81
N PRO A 64 -1.91 -4.00 -7.54
CA PRO A 64 -1.04 -4.61 -6.51
C PRO A 64 0.43 -4.62 -6.91
N GLU A 65 1.28 -5.09 -6.00
CA GLU A 65 2.70 -5.23 -6.27
C GLU A 65 2.94 -6.41 -7.21
N PHE A 66 3.61 -6.15 -8.33
CA PHE A 66 3.82 -7.15 -9.37
C PHE A 66 2.49 -7.78 -9.79
N ALA A 67 1.58 -6.94 -10.29
CA ALA A 67 0.21 -7.34 -10.54
C ALA A 67 0.04 -8.16 -11.81
N LEU A 68 1.10 -8.26 -12.60
CA LEU A 68 1.00 -8.94 -13.90
C LEU A 68 1.99 -10.09 -14.04
N THR A 69 3.00 -10.12 -13.20
CA THR A 69 4.11 -11.05 -13.38
C THR A 69 4.16 -12.15 -12.31
N GLY A 70 3.57 -11.89 -11.16
CA GLY A 70 3.70 -12.80 -10.02
C GLY A 70 4.76 -12.24 -9.09
N TYR A 71 4.95 -12.88 -7.94
CA TYR A 71 5.84 -12.32 -6.93
C TYR A 71 6.99 -13.25 -6.53
N SER A 72 6.65 -14.49 -6.22
CA SER A 72 7.64 -15.44 -5.69
C SER A 72 8.68 -15.85 -6.73
N PHE A 73 9.65 -14.98 -6.96
CA PHE A 73 10.79 -15.33 -7.82
C PHE A 73 11.97 -15.77 -6.97
N HIS A 74 12.61 -16.87 -7.36
CA HIS A 74 13.67 -17.47 -6.55
C HIS A 74 15.06 -17.22 -7.11
N ALA A 75 15.14 -16.72 -8.35
CA ALA A 75 16.42 -16.46 -8.98
C ALA A 75 16.34 -15.30 -9.97
N ARG A 76 17.45 -14.61 -10.15
CA ARG A 76 17.52 -13.50 -11.09
C ARG A 76 17.22 -13.96 -12.50
N LYS A 77 17.67 -15.17 -12.83
CA LYS A 77 17.45 -15.74 -14.15
C LYS A 77 15.97 -15.92 -14.45
N ASP A 78 15.18 -16.14 -13.40
CA ASP A 78 13.75 -16.38 -13.55
C ASP A 78 12.97 -15.09 -13.76
N ILE A 79 13.40 -14.01 -13.10
CA ILE A 79 12.68 -12.75 -13.18
C ILE A 79 13.12 -11.93 -14.39
N LEU A 80 14.22 -12.32 -15.01
CA LEU A 80 14.75 -11.63 -16.18
C LEU A 80 13.76 -11.57 -17.35
N PRO A 81 13.08 -12.69 -17.65
CA PRO A 81 12.13 -12.71 -18.77
C PRO A 81 10.92 -11.80 -18.58
N TYR A 82 10.81 -11.15 -17.43
CA TYR A 82 9.63 -10.36 -17.12
C TYR A 82 9.95 -8.92 -16.71
N VAL A 83 11.24 -8.60 -16.63
CA VAL A 83 11.66 -7.25 -16.30
C VAL A 83 11.53 -6.31 -17.50
N THR A 84 11.16 -5.06 -17.24
CA THR A 84 11.02 -4.07 -18.29
C THR A 84 11.49 -2.70 -17.83
N LYS A 85 11.72 -1.81 -18.78
CA LYS A 85 12.09 -0.43 -18.45
C LYS A 85 10.87 0.31 -17.89
N LYS A 86 11.11 1.43 -17.22
CA LYS A 86 10.04 2.17 -16.57
C LYS A 86 9.03 2.71 -17.58
N ASP A 87 9.44 2.84 -18.83
CA ASP A 87 8.58 3.35 -19.88
C ASP A 87 8.40 2.36 -21.02
N GLU A 88 8.48 1.07 -20.70
CA GLU A 88 8.33 0.02 -21.69
C GLU A 88 7.80 -1.26 -21.05
N GLY A 89 7.32 -2.18 -21.89
CA GLY A 89 6.82 -3.46 -21.41
C GLY A 89 5.31 -3.50 -21.29
N PRO A 90 4.76 -4.70 -21.03
CA PRO A 90 3.32 -4.93 -20.90
C PRO A 90 2.68 -4.13 -19.77
N SER A 91 3.38 -4.03 -18.65
CA SER A 91 2.86 -3.31 -17.49
C SER A 91 2.66 -1.83 -17.79
N PHE A 92 3.67 -1.22 -18.42
CA PHE A 92 3.58 0.19 -18.79
C PHE A 92 2.51 0.42 -19.85
N GLU A 93 2.48 -0.44 -20.85
CA GLU A 93 1.50 -0.34 -21.93
C GLU A 93 0.07 -0.46 -21.39
N LEU A 94 -0.13 -1.37 -20.45
CA LEU A 94 -1.44 -1.56 -19.84
C LEU A 94 -1.90 -0.32 -19.10
N ALA A 95 -1.02 0.25 -18.28
CA ALA A 95 -1.35 1.42 -17.48
C ALA A 95 -1.61 2.63 -18.37
N LYS A 96 -0.88 2.72 -19.48
CA LYS A 96 -1.04 3.82 -20.43
C LYS A 96 -2.40 3.75 -21.12
N SER A 97 -2.80 2.54 -21.49
CA SER A 97 -4.08 2.33 -22.15
C SER A 97 -5.24 2.62 -21.21
N ILE A 98 -5.11 2.18 -19.96
CA ILE A 98 -6.14 2.39 -18.95
C ILE A 98 -6.31 3.88 -18.66
N SER A 99 -5.21 4.59 -18.48
CA SER A 99 -5.24 6.01 -18.17
C SER A 99 -5.83 6.82 -19.32
N GLU A 100 -5.53 6.41 -20.54
CA GLU A 100 -6.05 7.09 -21.72
C GLU A 100 -7.52 6.74 -21.97
N LYS A 101 -7.93 5.57 -21.49
CA LYS A 101 -9.29 5.08 -21.72
C LYS A 101 -10.24 5.51 -20.60
N PHE A 102 -9.69 5.91 -19.48
CA PHE A 102 -10.50 6.35 -18.34
C PHE A 102 -10.18 7.78 -17.92
N GLN A 103 -9.13 8.34 -18.51
CA GLN A 103 -8.69 9.70 -18.17
C GLN A 103 -8.40 9.81 -16.68
N CYS A 104 -7.50 8.95 -16.20
CA CYS A 104 -7.17 8.90 -14.79
C CYS A 104 -5.71 8.53 -14.56
N TYR A 105 -5.30 8.51 -13.30
CA TYR A 105 -3.96 8.08 -12.94
C TYR A 105 -3.92 6.58 -12.74
N THR A 106 -2.87 5.94 -13.25
CA THR A 106 -2.73 4.49 -13.13
C THR A 106 -1.42 4.15 -12.41
N ILE A 107 -1.54 3.46 -11.28
CA ILE A 107 -0.38 3.02 -10.53
C ILE A 107 -0.33 1.50 -10.49
N ILE A 108 0.75 0.93 -11.01
CA ILE A 108 0.90 -0.51 -11.05
C ILE A 108 2.31 -0.96 -10.69
N GLY A 109 2.42 -2.06 -9.96
CA GLY A 109 3.71 -2.60 -9.58
C GLY A 109 4.26 -3.50 -10.67
N TYR A 110 5.58 -3.41 -10.89
CA TYR A 110 6.23 -4.18 -11.94
C TYR A 110 7.71 -4.39 -11.63
N PRO A 111 8.29 -5.46 -12.17
CA PRO A 111 9.74 -5.67 -12.07
C PRO A 111 10.49 -4.76 -13.05
N GLU A 112 11.36 -3.89 -12.52
CA GLU A 112 12.03 -2.89 -13.33
C GLU A 112 13.50 -3.19 -13.56
N GLU A 113 14.05 -2.66 -14.65
CA GLU A 113 15.47 -2.76 -14.96
C GLU A 113 15.93 -1.49 -15.66
N ASP A 114 16.99 -0.87 -15.15
CA ASP A 114 17.49 0.37 -15.74
C ASP A 114 18.55 0.09 -16.81
N ASP A 115 19.14 1.15 -17.35
CA ASP A 115 20.13 1.03 -18.41
C ASP A 115 21.45 0.48 -17.87
N GLU A 116 21.56 0.37 -16.55
CA GLU A 116 22.77 -0.15 -15.92
C GLU A 116 22.62 -1.62 -15.56
N GLN A 117 21.56 -2.25 -16.05
CA GLN A 117 21.28 -3.66 -15.79
C GLN A 117 20.96 -3.91 -14.32
N LYS A 118 20.42 -2.89 -13.65
CA LYS A 118 20.04 -3.01 -12.25
C LYS A 118 18.55 -3.30 -12.11
N LEU A 119 18.20 -4.17 -11.16
CA LEU A 119 16.82 -4.61 -10.98
C LEU A 119 16.16 -3.92 -9.80
N TYR A 120 14.88 -3.59 -9.93
CA TYR A 120 14.13 -2.96 -8.83
C TYR A 120 12.72 -3.54 -8.69
N ASN A 121 12.13 -3.36 -7.51
CA ASN A 121 10.71 -3.62 -7.31
C ASN A 121 9.97 -2.30 -7.37
N SER A 122 9.44 -1.97 -8.54
CA SER A 122 8.94 -0.63 -8.79
C SER A 122 7.44 -0.57 -9.06
N ALA A 123 6.90 0.65 -9.01
CA ALA A 123 5.50 0.91 -9.31
C ALA A 123 5.37 2.20 -10.09
N LEU A 124 5.06 2.10 -11.38
CA LEU A 124 5.00 3.26 -12.26
C LEU A 124 3.68 4.01 -12.14
N VAL A 125 3.69 5.28 -12.52
CA VAL A 125 2.50 6.12 -12.46
C VAL A 125 2.26 6.83 -13.78
N VAL A 126 1.02 6.77 -14.27
CA VAL A 126 0.66 7.42 -15.53
C VAL A 126 -0.52 8.38 -15.33
N ASN A 127 -0.46 9.54 -15.99
CA ASN A 127 -1.53 10.52 -15.89
C ASN A 127 -2.62 10.27 -16.92
N PRO A 128 -3.74 11.00 -16.83
CA PRO A 128 -4.86 10.88 -17.76
C PRO A 128 -4.46 11.12 -19.22
N GLN A 129 -3.32 11.76 -19.44
CA GLN A 129 -2.85 12.03 -20.80
C GLN A 129 -2.05 10.86 -21.36
N GLY A 130 -1.82 9.85 -20.51
CA GLY A 130 -1.09 8.67 -20.92
C GLY A 130 0.41 8.83 -20.86
N GLY A 131 0.87 9.73 -19.99
CA GLY A 131 2.29 9.98 -19.83
C GLY A 131 2.79 9.65 -18.43
N GLN A 132 3.88 8.90 -18.36
CA GLN A 132 4.48 8.53 -17.08
C GLN A 132 5.02 9.76 -16.36
N ILE A 133 4.47 10.03 -15.18
CA ILE A 133 4.86 11.21 -14.41
C ILE A 133 5.75 10.84 -13.22
N PHE A 134 5.84 9.56 -12.91
CA PHE A 134 6.62 9.11 -11.76
C PHE A 134 6.88 7.61 -11.76
N ASN A 135 8.07 7.22 -11.32
CA ASN A 135 8.42 5.81 -11.12
C ASN A 135 9.06 5.60 -9.75
N TYR A 136 8.42 4.79 -8.91
CA TYR A 136 8.88 4.56 -7.54
C TYR A 136 9.51 3.19 -7.33
N ARG A 137 10.60 3.15 -6.57
CA ARG A 137 11.25 1.88 -6.25
C ARG A 137 10.98 1.49 -4.81
N LYS A 138 10.87 0.19 -4.57
CA LYS A 138 10.65 -0.35 -3.23
C LYS A 138 11.86 -0.04 -2.35
N THR A 139 11.61 0.59 -1.22
CA THR A 139 12.69 1.04 -0.33
C THR A 139 13.13 -0.07 0.62
N PHE A 140 12.19 -0.61 1.37
CA PHE A 140 12.47 -1.75 2.25
C PHE A 140 12.22 -3.06 1.50
N LEU A 141 13.26 -3.88 1.39
CA LEU A 141 13.17 -5.13 0.64
C LEU A 141 12.73 -6.31 1.50
N TYR A 142 11.99 -7.22 0.89
CA TYR A 142 11.53 -8.43 1.55
C TYR A 142 12.45 -9.58 1.19
N ASP A 143 12.41 -10.66 1.98
CA ASP A 143 13.28 -11.81 1.77
C ASP A 143 13.21 -12.36 0.35
N THR A 144 12.10 -12.11 -0.34
CA THR A 144 11.91 -12.60 -1.70
C THR A 144 12.71 -11.78 -2.71
N GLU A 145 12.85 -10.49 -2.45
CA GLU A 145 13.61 -9.62 -3.34
C GLU A 145 15.10 -9.97 -3.32
N MET A 146 15.54 -10.56 -2.21
CA MET A 146 16.95 -10.94 -2.07
C MET A 146 17.30 -12.12 -2.96
N ASN A 147 16.28 -12.85 -3.41
CA ASN A 147 16.50 -14.04 -4.23
C ASN A 147 16.93 -13.70 -5.65
N TRP A 148 16.38 -12.61 -6.20
CA TRP A 148 16.72 -12.20 -7.57
C TRP A 148 17.57 -10.94 -7.60
N ASP A 149 18.26 -10.67 -6.50
CA ASP A 149 19.20 -9.56 -6.42
C ASP A 149 18.56 -8.20 -6.65
N CYS A 150 17.44 -7.95 -5.99
CA CYS A 150 16.76 -6.67 -6.09
C CYS A 150 17.59 -5.56 -5.45
N GLU A 151 17.21 -4.31 -5.69
CA GLU A 151 17.96 -3.18 -5.16
C GLU A 151 17.06 -2.25 -4.35
N GLU A 152 17.59 -1.74 -3.24
CA GLU A 152 16.86 -0.77 -2.43
C GLU A 152 16.77 0.57 -3.15
N ASN A 153 15.67 1.27 -2.94
CA ASN A 153 15.49 2.60 -3.53
C ASN A 153 16.54 3.56 -3.01
N PRO A 154 17.47 3.98 -3.88
CA PRO A 154 18.56 4.88 -3.51
C PRO A 154 18.07 6.25 -3.06
N GLU A 155 16.82 6.57 -3.39
CA GLU A 155 16.24 7.85 -2.97
C GLU A 155 15.42 7.66 -1.71
N GLY A 156 15.19 6.41 -1.32
CA GLY A 156 14.38 6.10 -0.15
C GLY A 156 12.92 6.43 -0.38
N PHE A 157 12.20 6.68 0.70
CA PHE A 157 10.81 7.09 0.61
C PHE A 157 10.69 8.40 -0.16
N GLN A 158 9.68 8.51 -1.01
CA GLN A 158 9.53 9.71 -1.84
C GLN A 158 8.09 10.21 -1.85
N THR A 159 7.93 11.47 -2.23
CA THR A 159 6.61 12.07 -2.43
C THR A 159 6.55 12.72 -3.81
N PHE A 160 5.35 12.81 -4.37
CA PHE A 160 5.17 13.49 -5.65
C PHE A 160 3.78 14.11 -5.74
N PRO A 161 3.63 15.13 -6.59
CA PRO A 161 2.36 15.83 -6.76
C PRO A 161 1.50 15.17 -7.83
N MET A 162 0.18 15.22 -7.65
CA MET A 162 -0.75 14.67 -8.64
C MET A 162 -1.82 15.70 -8.98
N ASP A 163 -1.83 16.16 -10.22
CA ASP A 163 -2.77 17.17 -10.67
C ASP A 163 -4.14 16.56 -10.99
N PHE A 164 -5.10 16.77 -10.10
CA PHE A 164 -6.46 16.30 -10.34
C PHE A 164 -7.34 17.46 -10.82
N SER A 165 -8.10 17.21 -11.88
CA SER A 165 -8.96 18.23 -12.47
C SER A 165 -10.42 18.05 -12.03
N LYS A 166 -11.00 19.13 -11.50
CA LYS A 166 -12.38 19.12 -11.05
C LYS A 166 -12.60 18.08 -9.94
N CYS A 167 -11.84 18.21 -8.85
CA CYS A 167 -11.94 17.29 -7.74
C CYS A 167 -12.05 18.02 -6.41
N ALA A 168 -11.88 19.34 -6.46
CA ALA A 168 -11.87 20.15 -5.23
C ALA A 168 -12.88 21.29 -5.29
N LYS A 169 -13.21 21.82 -4.12
CA LYS A 169 -14.14 22.95 -4.01
C LYS A 169 -13.99 23.64 -2.67
N LEU A 170 -14.53 24.85 -2.56
CA LEU A 170 -14.52 25.57 -1.29
C LEU A 170 -15.59 25.02 -0.36
N SER A 171 -15.50 25.36 0.92
CA SER A 171 -16.39 24.80 1.93
C SER A 171 -17.83 25.29 1.79
N ASN A 172 -18.05 26.23 0.89
CA ASN A 172 -19.39 26.79 0.69
C ASN A 172 -19.87 26.70 -0.75
N GLU A 173 -19.25 25.84 -1.54
CA GLU A 173 -19.64 25.64 -2.94
C GLU A 173 -20.54 24.41 -3.07
N ASP A 174 -21.14 24.25 -4.24
CA ASP A 174 -22.11 23.18 -4.47
C ASP A 174 -21.62 22.14 -5.47
N SER A 175 -20.36 22.24 -5.86
CA SER A 175 -19.78 21.28 -6.80
C SER A 175 -18.25 21.35 -6.83
N TYR A 176 -17.63 20.31 -7.38
CA TYR A 176 -16.17 20.25 -7.46
C TYR A 176 -15.68 20.63 -8.85
N ASN A 177 -15.54 21.93 -9.09
CA ASN A 177 -15.10 22.44 -10.37
C ASN A 177 -13.66 22.94 -10.33
N ARG A 178 -13.02 22.79 -9.18
CA ARG A 178 -11.65 23.26 -8.99
C ARG A 178 -10.63 22.15 -9.13
N ASP A 179 -9.39 22.55 -9.46
CA ASP A 179 -8.29 21.60 -9.59
C ASP A 179 -7.42 21.59 -8.34
N VAL A 180 -6.92 20.42 -7.98
CA VAL A 180 -6.09 20.29 -6.78
C VAL A 180 -4.86 19.43 -7.03
N THR A 181 -3.71 19.90 -6.57
CA THR A 181 -2.47 19.14 -6.68
C THR A 181 -2.13 18.48 -5.34
N LEU A 182 -2.49 17.21 -5.21
CA LEU A 182 -2.24 16.46 -3.98
C LEU A 182 -0.80 16.01 -3.92
N LYS A 183 -0.21 16.07 -2.72
CA LYS A 183 1.15 15.60 -2.50
C LYS A 183 1.14 14.10 -2.19
N ALA A 184 1.13 13.29 -3.24
CA ALA A 184 0.98 11.84 -3.09
C ALA A 184 2.25 11.17 -2.55
N SER A 185 2.15 9.86 -2.34
CA SER A 185 3.27 9.07 -1.84
C SER A 185 2.97 7.57 -1.98
N ILE A 186 3.94 6.81 -2.47
CA ILE A 186 3.76 5.38 -2.68
C ILE A 186 4.60 4.53 -1.73
N GLY A 187 4.00 3.46 -1.20
CA GLY A 187 4.69 2.52 -0.34
C GLY A 187 4.40 1.10 -0.79
N ILE A 188 5.44 0.29 -0.92
CA ILE A 188 5.29 -1.06 -1.43
C ILE A 188 5.46 -2.13 -0.36
N SER A 189 4.34 -2.58 0.19
CA SER A 189 4.30 -3.68 1.15
C SER A 189 5.32 -3.59 2.27
N MET A 190 6.55 -4.02 2.00
CA MET A 190 7.61 -4.09 3.00
C MET A 190 7.96 -2.72 3.56
N ASP A 191 7.62 -1.66 2.85
CA ASP A 191 7.88 -0.30 3.30
C ASP A 191 7.16 0.00 4.61
N LEU A 192 6.03 -0.67 4.81
CA LEU A 192 5.22 -0.45 6.01
C LEU A 192 5.79 -1.19 7.22
N SER A 193 6.64 -2.17 6.97
CA SER A 193 7.24 -2.96 8.04
C SER A 193 8.52 -2.32 8.56
N PRO A 194 8.91 -2.68 9.80
CA PRO A 194 10.20 -2.25 10.34
C PRO A 194 11.34 -2.71 9.44
N TYR A 195 12.39 -1.91 9.35
CA TYR A 195 13.49 -2.18 8.43
C TYR A 195 14.10 -3.57 8.65
N LYS A 196 13.91 -4.43 7.67
CA LYS A 196 14.46 -5.79 7.70
C LYS A 196 13.85 -6.63 8.82
N PHE A 197 12.70 -6.21 9.33
CA PHE A 197 12.03 -6.91 10.42
C PHE A 197 12.88 -6.96 11.68
N MET A 198 13.86 -6.05 11.75
CA MET A 198 14.81 -6.05 12.85
C MET A 198 14.79 -4.72 13.61
N ALA A 199 14.42 -3.65 12.93
CA ALA A 199 14.33 -2.33 13.54
C ALA A 199 13.20 -2.28 14.56
N PRO A 200 13.24 -1.31 15.47
CA PRO A 200 12.21 -1.13 16.50
C PRO A 200 10.82 -0.91 15.88
N PHE A 201 9.80 -1.50 16.50
CA PHE A 201 8.43 -1.38 16.00
C PHE A 201 7.93 0.06 16.15
N ASN A 202 8.34 0.71 17.23
CA ASN A 202 7.86 2.06 17.54
C ASN A 202 8.31 3.12 16.54
N HIS A 203 9.22 2.76 15.64
CA HIS A 203 9.74 3.71 14.67
C HIS A 203 8.65 4.16 13.69
N PHE A 204 8.04 3.19 13.01
CA PHE A 204 7.05 3.49 11.97
C PHE A 204 7.69 4.37 10.90
N GLU A 205 8.58 3.79 10.12
CA GLU A 205 9.34 4.53 9.12
C GLU A 205 8.44 5.22 8.10
N PHE A 206 7.75 4.42 7.30
CA PHE A 206 6.94 4.94 6.20
C PHE A 206 5.80 5.83 6.69
N SER A 207 5.20 5.45 7.81
CA SER A 207 4.11 6.23 8.39
C SER A 207 4.60 7.59 8.84
N SER A 208 5.76 7.61 9.50
CA SER A 208 6.35 8.86 9.97
C SER A 208 6.72 9.75 8.79
N PHE A 209 7.31 9.14 7.76
CA PHE A 209 7.72 9.87 6.57
C PHE A 209 6.55 10.61 5.93
N CYS A 210 5.40 9.96 5.88
CA CYS A 210 4.22 10.55 5.27
C CYS A 210 3.67 11.69 6.12
N VAL A 211 3.68 11.51 7.44
CA VAL A 211 3.23 12.55 8.35
C VAL A 211 4.19 13.73 8.35
N ASP A 212 5.48 13.43 8.27
CA ASP A 212 6.52 14.45 8.24
C ASP A 212 6.39 15.34 7.02
N ASN A 213 6.22 14.74 5.85
CA ASN A 213 6.13 15.48 4.60
C ASN A 213 4.70 15.89 4.26
N ASN A 214 3.79 15.70 5.22
CA ASN A 214 2.40 16.10 5.05
C ASN A 214 1.73 15.45 3.85
N VAL A 215 1.90 14.14 3.74
CA VAL A 215 1.28 13.38 2.65
C VAL A 215 -0.25 13.34 2.82
N GLU A 216 -0.96 13.49 1.71
CA GLU A 216 -2.41 13.55 1.73
C GLU A 216 -3.03 12.28 1.14
N LEU A 217 -2.39 11.75 0.11
CA LEU A 217 -2.84 10.52 -0.55
C LEU A 217 -1.74 9.46 -0.49
N ILE A 218 -2.05 8.33 0.13
CA ILE A 218 -1.08 7.25 0.28
C ILE A 218 -1.47 6.04 -0.57
N LEU A 219 -0.59 5.64 -1.47
CA LEU A 219 -0.85 4.52 -2.36
C LEU A 219 0.06 3.34 -2.01
N CYS A 220 -0.54 2.22 -1.63
CA CYS A 220 0.23 1.07 -1.19
C CYS A 220 -0.07 -0.20 -1.98
N PRO A 221 0.66 -0.41 -3.08
CA PRO A 221 0.66 -1.70 -3.79
C PRO A 221 1.31 -2.77 -2.92
N MET A 222 0.70 -3.95 -2.82
CA MET A 222 1.21 -4.96 -1.90
C MET A 222 1.11 -6.39 -2.40
N ALA A 223 2.00 -7.22 -1.87
CA ALA A 223 1.92 -8.67 -2.03
C ALA A 223 1.96 -9.28 -0.63
N TRP A 224 1.14 -8.73 0.26
CA TRP A 224 1.17 -9.09 1.68
C TRP A 224 0.69 -10.51 1.93
N LEU A 225 1.35 -11.19 2.87
CA LEU A 225 1.06 -12.59 3.15
C LEU A 225 0.01 -12.77 4.25
N ASN A 226 -0.67 -13.92 4.21
CA ASN A 226 -1.56 -14.33 5.28
C ASN A 226 -0.79 -15.17 6.28
N SER A 227 -1.02 -14.93 7.57
CA SER A 227 -0.21 -15.54 8.63
C SER A 227 -0.27 -17.06 8.63
N THR A 228 -1.19 -17.63 7.85
CA THR A 228 -1.27 -19.09 7.74
C THR A 228 -0.21 -19.62 6.78
N SER A 229 0.47 -18.70 6.10
CA SER A 229 1.52 -19.08 5.17
C SER A 229 2.72 -19.68 5.91
N ILE A 230 3.55 -20.40 5.18
CA ILE A 230 4.75 -20.99 5.76
C ILE A 230 5.91 -20.01 5.69
N THR A 231 6.29 -19.46 6.83
CA THR A 231 7.35 -18.46 6.88
C THR A 231 8.50 -18.92 7.77
N ASP A 232 8.26 -19.92 8.61
CA ASP A 232 9.28 -20.45 9.50
C ASP A 232 10.49 -20.94 8.71
N LYS A 233 11.66 -20.40 9.03
CA LYS A 233 12.86 -20.68 8.27
C LYS A 233 13.34 -22.13 8.41
N GLN A 234 13.29 -22.67 9.62
CA GLN A 234 13.72 -24.05 9.85
C GLN A 234 12.79 -25.03 9.16
N THR A 235 11.57 -24.59 8.87
CA THR A 235 10.60 -25.45 8.19
C THR A 235 10.80 -25.40 6.68
N LEU A 236 11.16 -24.23 6.17
CA LEU A 236 11.35 -24.05 4.73
C LEU A 236 12.64 -24.71 4.25
N HIS A 237 13.55 -24.98 5.17
CA HIS A 237 14.83 -25.57 4.81
C HIS A 237 15.00 -26.97 5.40
N ASN A 238 13.90 -27.52 5.90
CA ASN A 238 13.84 -28.92 6.29
C ASN A 238 12.83 -29.64 5.43
N ASN A 239 13.32 -30.35 4.41
CA ASN A 239 12.46 -30.98 3.41
C ASN A 239 11.42 -31.91 4.03
N SER A 240 11.75 -32.49 5.17
CA SER A 240 10.80 -33.33 5.89
C SER A 240 9.69 -32.47 6.47
N LEU A 241 10.07 -31.36 7.10
CA LEU A 241 9.11 -30.43 7.68
C LEU A 241 8.39 -29.62 6.61
N LEU A 242 9.08 -29.38 5.50
CA LEU A 242 8.51 -28.61 4.40
C LEU A 242 7.42 -29.41 3.70
N GLU A 243 7.64 -30.72 3.57
CA GLU A 243 6.67 -31.60 2.94
C GLU A 243 5.37 -31.61 3.72
N ALA A 244 5.47 -31.80 5.04
CA ALA A 244 4.30 -31.84 5.90
C ALA A 244 3.64 -30.47 6.00
N ALA A 245 4.43 -29.43 5.81
CA ALA A 245 3.93 -28.05 5.89
C ALA A 245 3.13 -27.69 4.64
N LYS A 246 3.55 -28.23 3.49
CA LYS A 246 2.87 -27.96 2.23
C LYS A 246 1.57 -28.75 2.13
N ASN A 247 1.51 -29.89 2.81
CA ASN A 247 0.30 -30.70 2.86
C ASN A 247 -0.81 -29.98 3.63
N LYS A 248 -0.41 -29.19 4.61
CA LYS A 248 -1.37 -28.42 5.40
C LYS A 248 -1.99 -27.31 4.56
N ILE A 249 -1.17 -26.67 3.73
CA ILE A 249 -1.63 -25.62 2.84
C ILE A 249 -2.54 -26.19 1.75
N ALA A 250 -2.26 -27.42 1.34
CA ALA A 250 -3.04 -28.08 0.30
C ALA A 250 -4.46 -28.36 0.78
N PHE A 251 -4.58 -28.83 2.02
CA PHE A 251 -5.88 -29.14 2.59
C PHE A 251 -6.68 -27.87 2.87
N ALA A 252 -5.97 -26.80 3.22
CA ALA A 252 -6.60 -25.53 3.54
C ALA A 252 -7.35 -24.96 2.34
N LEU A 253 -6.78 -25.13 1.16
CA LEU A 253 -7.39 -24.62 -0.06
C LEU A 253 -8.39 -25.60 -0.67
N LYS A 254 -8.12 -26.89 -0.51
CA LYS A 254 -9.01 -27.91 -1.02
C LYS A 254 -10.34 -27.89 -0.28
N GLU A 255 -10.29 -27.58 1.02
CA GLU A 255 -11.50 -27.53 1.84
C GLU A 255 -12.37 -26.34 1.45
N GLN A 256 -11.74 -25.30 0.94
CA GLN A 256 -12.44 -24.10 0.49
C GLN A 256 -12.96 -24.25 -0.93
N GLY A 257 -12.68 -25.39 -1.55
CA GLY A 257 -13.09 -25.63 -2.92
C GLY A 257 -12.33 -24.75 -3.89
N LEU A 258 -11.03 -24.60 -3.64
CA LEU A 258 -10.17 -23.75 -4.45
C LEU A 258 -8.93 -24.51 -4.91
N PRO A 259 -8.42 -24.18 -6.09
CA PRO A 259 -7.16 -24.74 -6.59
C PRO A 259 -5.98 -24.24 -5.78
N LEU A 260 -4.84 -24.91 -5.88
CA LEU A 260 -3.66 -24.54 -5.10
C LEU A 260 -3.16 -23.14 -5.44
N ALA A 261 -3.37 -22.72 -6.68
CA ALA A 261 -2.92 -21.41 -7.12
C ALA A 261 -3.80 -20.30 -6.57
N GLY A 262 -5.04 -20.63 -6.25
CA GLY A 262 -5.99 -19.66 -5.75
C GLY A 262 -7.12 -19.40 -6.73
N SER A 263 -8.01 -18.47 -6.39
CA SER A 263 -9.16 -18.16 -7.23
C SER A 263 -8.79 -17.20 -8.36
N GLN A 264 -9.22 -17.53 -9.57
CA GLN A 264 -9.00 -16.68 -10.74
C GLN A 264 -10.23 -16.70 -11.64
N GLY A 265 -10.56 -15.55 -12.22
CA GLY A 265 -11.67 -15.46 -13.15
C GLY A 265 -12.97 -15.03 -12.49
N ILE A 266 -13.22 -15.53 -11.29
CA ILE A 266 -14.41 -15.16 -10.53
C ILE A 266 -14.17 -13.83 -9.82
N TYR A 267 -14.89 -12.79 -10.25
CA TYR A 267 -14.60 -11.44 -9.80
C TYR A 267 -15.59 -10.94 -8.74
N GLN A 268 -15.04 -10.34 -7.69
CA GLN A 268 -15.85 -9.69 -6.66
C GLN A 268 -15.87 -8.18 -6.92
N LEU A 269 -17.04 -7.66 -7.26
CA LEU A 269 -17.15 -6.25 -7.63
C LEU A 269 -17.94 -5.43 -6.61
N LYS A 270 -17.25 -4.47 -5.99
CA LYS A 270 -17.90 -3.53 -5.09
C LYS A 270 -17.75 -2.11 -5.64
N ILE A 271 -18.54 -1.80 -6.66
CA ILE A 271 -18.40 -0.54 -7.38
C ILE A 271 -19.52 0.44 -7.03
N GLY A 272 -19.13 1.61 -6.53
CA GLY A 272 -20.08 2.69 -6.27
C GLY A 272 -20.75 2.62 -4.91
N ASP A 273 -20.97 1.41 -4.41
CA ASP A 273 -21.62 1.22 -3.12
C ASP A 273 -20.85 1.89 -1.99
N SER A 274 -21.51 2.09 -0.86
CA SER A 274 -20.87 2.72 0.29
C SER A 274 -20.81 1.76 1.48
N GLN A 275 -20.70 0.48 1.18
CA GLN A 275 -20.59 -0.55 2.22
C GLN A 275 -19.27 -0.41 2.98
N ARG A 276 -19.36 0.03 4.23
CA ARG A 276 -18.17 0.20 5.05
C ARG A 276 -17.77 -1.13 5.71
N THR A 277 -16.48 -1.26 6.01
CA THR A 277 -15.97 -2.49 6.63
C THR A 277 -16.16 -2.46 8.15
N PRO A 278 -16.80 -3.51 8.69
CA PRO A 278 -17.06 -3.65 10.13
C PRO A 278 -15.77 -3.62 10.95
N ARG A 279 -15.77 -2.79 11.99
CA ARG A 279 -14.61 -2.70 12.88
C ARG A 279 -14.53 -3.94 13.78
N VAL A 280 -13.51 -4.77 13.56
CA VAL A 280 -13.33 -5.97 14.35
C VAL A 280 -11.90 -6.09 14.87
N PRO A 281 -11.75 -6.40 16.17
CA PRO A 281 -10.44 -6.58 16.80
C PRO A 281 -9.77 -7.88 16.39
N SER A 282 -8.46 -7.96 16.57
CA SER A 282 -7.71 -9.16 16.20
C SER A 282 -7.88 -10.25 17.26
N ASP A 283 -7.89 -11.50 16.79
CA ASP A 283 -8.02 -12.64 17.69
C ASP A 283 -7.64 -13.91 16.93
N ASP A 284 -7.88 -15.06 17.55
CA ASP A 284 -7.72 -16.32 16.86
C ASP A 284 -8.81 -16.44 15.81
N SER A 285 -8.52 -17.12 14.71
CA SER A 285 -9.49 -17.33 13.63
C SER A 285 -9.73 -16.09 12.78
N THR A 286 -9.12 -14.97 13.15
CA THR A 286 -9.17 -13.78 12.31
C THR A 286 -8.09 -13.89 11.26
N SER A 287 -7.17 -14.83 11.46
CA SER A 287 -6.10 -15.09 10.52
C SER A 287 -6.37 -16.33 9.68
N GLU A 288 -7.48 -17.02 10.00
CA GLU A 288 -7.86 -18.22 9.28
C GLU A 288 -8.20 -17.90 7.83
N TYR A 289 -7.70 -18.72 6.91
CA TYR A 289 -7.93 -18.51 5.49
C TYR A 289 -9.27 -19.11 5.06
N LYS A 290 -10.35 -18.48 5.50
CA LYS A 290 -11.70 -18.90 5.14
C LYS A 290 -12.55 -17.69 4.77
N ASP A 291 -13.68 -17.94 4.11
CA ASP A 291 -14.57 -16.86 3.66
C ASP A 291 -13.85 -15.93 2.70
N MET A 292 -13.67 -16.37 1.47
CA MET A 292 -12.87 -15.64 0.49
C MET A 292 -13.48 -14.29 0.11
N ASP A 293 -14.75 -14.09 0.47
CA ASP A 293 -15.42 -12.82 0.20
C ASP A 293 -15.20 -11.83 1.34
N GLU A 294 -14.72 -12.34 2.48
CA GLU A 294 -14.45 -11.51 3.64
C GLU A 294 -12.96 -11.14 3.70
N PRO A 295 -12.66 -9.91 4.14
CA PRO A 295 -11.28 -9.44 4.25
C PRO A 295 -10.53 -10.09 5.42
N ASP A 296 -9.21 -9.93 5.43
CA ASP A 296 -8.38 -10.41 6.53
C ASP A 296 -8.23 -9.32 7.57
N MET A 297 -9.02 -9.40 8.64
CA MET A 297 -9.01 -8.36 9.67
C MET A 297 -7.72 -8.36 10.48
N SER A 298 -7.02 -9.49 10.49
CA SER A 298 -5.74 -9.56 11.18
C SER A 298 -4.73 -8.64 10.51
N ASN A 299 -4.72 -8.65 9.18
CA ASN A 299 -3.84 -7.77 8.41
C ASN A 299 -4.36 -6.35 8.34
N VAL A 300 -5.68 -6.21 8.19
CA VAL A 300 -6.31 -4.90 8.15
C VAL A 300 -6.03 -4.15 9.45
N ASN A 301 -6.12 -4.86 10.57
CA ASN A 301 -5.79 -4.27 11.87
C ASN A 301 -4.30 -3.97 11.97
N TYR A 302 -3.48 -4.84 11.37
CA TYR A 302 -2.04 -4.65 11.39
C TYR A 302 -1.63 -3.50 10.47
N TRP A 303 -2.22 -3.44 9.29
CA TRP A 303 -1.95 -2.37 8.35
C TRP A 303 -2.29 -1.01 8.96
N ILE A 304 -3.38 -0.96 9.72
CA ILE A 304 -3.79 0.27 10.38
C ILE A 304 -2.81 0.61 11.50
N LEU A 305 -2.37 -0.41 12.23
CA LEU A 305 -1.43 -0.22 13.33
C LEU A 305 -0.11 0.35 12.83
N ARG A 306 0.28 -0.05 11.63
CA ARG A 306 1.53 0.42 11.04
C ARG A 306 1.44 1.90 10.67
N PHE A 307 0.22 2.42 10.62
CA PHE A 307 0.01 3.85 10.38
C PHE A 307 -0.38 4.55 11.68
N PHE A 308 0.33 4.22 12.74
CA PHE A 308 0.07 4.76 14.08
C PHE A 308 0.08 6.30 14.14
N PRO A 309 1.07 6.94 13.49
CA PRO A 309 1.17 8.41 13.51
C PRO A 309 -0.10 9.11 13.05
N PHE A 310 -0.91 8.44 12.23
CA PHE A 310 -2.17 9.00 11.75
C PHE A 310 -3.32 8.69 12.69
N LEU A 311 -3.11 7.78 13.63
CA LEU A 311 -4.15 7.38 14.57
C LEU A 311 -4.12 8.21 15.84
N TYR A 312 -5.30 8.47 16.39
CA TYR A 312 -5.41 9.22 17.64
C TYR A 312 -4.93 8.37 18.81
N PHE A 313 -4.13 8.97 19.68
CA PHE A 313 -3.63 8.29 20.87
C PHE A 313 -3.60 9.24 22.05
N LYS A 314 -4.25 8.84 23.14
CA LYS A 314 -4.42 9.72 24.30
C LYS A 314 -3.09 10.09 24.97
N LEU A 315 -2.15 9.15 24.98
CA LEU A 315 -0.90 9.33 25.70
C LEU A 315 0.02 10.38 25.07
N ARG A 316 -0.35 10.88 23.90
CA ARG A 316 0.48 11.88 23.22
C ARG A 316 0.54 13.19 24.01
N ILE A 317 -0.49 13.46 24.80
CA ILE A 317 -0.52 14.65 25.63
C ILE A 317 0.57 14.61 26.70
N ASN A 318 0.70 13.45 27.35
CA ASN A 318 1.70 13.26 28.38
C ASN A 318 3.12 13.30 27.82
N TRP A 319 3.26 12.84 26.58
CA TRP A 319 4.56 12.81 25.92
C TRP A 319 5.04 14.21 25.59
N PHE A 320 4.14 15.03 25.04
CA PHE A 320 4.48 16.39 24.65
C PHE A 320 4.73 17.27 25.87
N LYS A 321 3.91 17.08 26.91
CA LYS A 321 4.03 17.86 28.13
C LYS A 321 5.36 17.60 28.84
N ASN A 322 5.69 16.33 28.99
CA ASN A 322 6.93 15.93 29.64
C ASN A 322 8.14 16.06 28.72
N SER A 323 7.90 16.60 27.53
CA SER A 323 8.96 16.84 26.54
C SER A 323 9.70 15.57 26.17
N SER A 324 9.00 14.43 26.22
CA SER A 324 9.57 13.17 25.80
C SER A 324 9.67 13.11 24.28
N LEU A 325 10.45 12.15 23.78
CA LEU A 325 10.56 11.91 22.35
C LEU A 325 11.34 13.00 21.59
N ILE A 326 11.63 14.11 22.26
CA ILE A 326 12.35 15.20 21.61
C ILE A 326 13.77 14.78 21.26
N GLU A 327 14.35 13.92 22.10
CA GLU A 327 15.67 13.35 21.82
C GLU A 327 15.54 12.32 20.72
N SER A 328 14.33 11.82 20.54
CA SER A 328 14.04 10.86 19.47
C SER A 328 13.77 11.59 18.16
N ILE A 329 13.11 12.74 18.26
CA ILE A 329 12.79 13.55 17.09
C ILE A 329 14.04 14.16 16.47
N LEU A 330 14.90 14.73 17.31
CA LEU A 330 16.13 15.34 16.86
C LEU A 330 17.11 14.30 16.33
N GLY A 331 17.26 13.20 17.07
CA GLY A 331 18.17 12.14 16.68
C GLY A 331 17.66 11.32 15.51
N LYS A 332 16.38 11.46 15.21
CA LYS A 332 15.76 10.73 14.11
C LYS A 332 16.37 11.13 12.76
N THR A 333 16.78 10.14 11.99
CA THR A 333 17.34 10.38 10.66
C THR A 333 16.30 10.09 9.58
N ARG A 334 16.56 10.56 8.37
CA ARG A 334 15.64 10.36 7.25
C ARG A 334 15.45 8.89 6.94
N MET A 335 16.57 8.18 6.75
CA MET A 335 16.55 6.75 6.46
C MET A 335 17.48 6.03 7.42
N PRO A 336 17.37 4.68 7.49
CA PRO A 336 18.31 3.88 8.26
C PRO A 336 19.75 4.09 7.78
N LEU A 337 20.68 4.22 8.71
CA LEU A 337 22.07 4.54 8.37
C LEU A 337 22.69 3.50 7.44
N ASP A 338 22.25 2.25 7.57
CA ASP A 338 22.80 1.17 6.75
C ASP A 338 21.97 0.95 5.48
N HIS A 339 21.17 1.95 5.13
CA HIS A 339 20.32 1.85 3.95
C HIS A 339 21.06 2.38 2.72
N GLU A 340 20.64 1.94 1.54
CA GLU A 340 21.25 2.35 0.28
C GLU A 340 21.12 3.86 0.05
N TYR A 341 20.23 4.49 0.81
CA TYR A 341 20.00 5.92 0.73
C TYR A 341 21.27 6.72 0.99
N TYR A 342 22.16 6.17 1.81
CA TYR A 342 23.42 6.84 2.13
C TYR A 342 24.60 6.18 1.42
N LYS A 343 24.30 5.46 0.34
CA LYS A 343 25.32 4.74 -0.41
C LYS A 343 25.98 3.66 0.43
N ASP A 353 24.50 17.05 16.18
CA ASP A 353 23.52 17.31 17.23
C ASP A 353 23.12 18.78 17.28
N LEU A 354 21.84 19.05 17.05
CA LEU A 354 21.34 20.42 17.06
C LEU A 354 21.43 21.06 18.44
N LEU A 355 21.31 20.24 19.48
CA LEU A 355 21.35 20.73 20.85
C LEU A 355 22.72 21.31 21.19
N ASP A 356 23.76 20.71 20.63
CA ASP A 356 25.13 21.14 20.90
C ASP A 356 25.59 22.22 19.93
N SER A 357 25.29 22.04 18.65
CA SER A 357 25.75 22.95 17.61
C SER A 357 25.12 24.33 17.77
N GLU A 358 25.67 25.31 17.03
CA GLU A 358 25.13 26.66 17.04
C GLU A 358 24.23 26.89 15.82
N GLU A 359 24.01 25.82 15.06
CA GLU A 359 23.14 25.89 13.89
C GLU A 359 21.69 26.02 14.31
N VAL A 360 20.93 26.85 13.58
CA VAL A 360 19.53 27.10 13.91
C VAL A 360 18.64 25.91 13.56
N ILE A 361 17.47 25.87 14.18
CA ILE A 361 16.50 24.81 13.93
C ILE A 361 15.64 25.11 12.71
N LYS A 362 15.83 24.35 11.64
CA LYS A 362 15.12 24.59 10.40
C LYS A 362 13.67 24.09 10.45
N ASP A 363 12.87 24.54 9.49
CA ASP A 363 11.46 24.19 9.43
C ASP A 363 11.26 22.68 9.32
N THR A 364 12.14 22.03 8.56
CA THR A 364 12.04 20.59 8.34
C THR A 364 12.17 19.80 9.64
N VAL A 365 13.01 20.30 10.55
CA VAL A 365 13.20 19.66 11.84
C VAL A 365 11.92 19.78 12.67
N LEU A 366 11.19 20.87 12.47
CA LEU A 366 9.93 21.07 13.17
C LEU A 366 8.81 20.28 12.51
N GLU A 367 9.07 19.79 11.31
CA GLU A 367 8.11 18.95 10.59
C GLU A 367 8.29 17.48 10.96
N LYS A 368 9.47 17.15 11.49
CA LYS A 368 9.78 15.79 11.90
C LYS A 368 8.91 15.35 13.07
N THR A 369 8.61 14.05 13.12
CA THR A 369 7.76 13.50 14.18
C THR A 369 8.25 12.14 14.65
N PHE A 370 7.82 11.75 15.85
CA PHE A 370 8.10 10.42 16.37
C PHE A 370 6.89 9.91 17.15
N LEU A 371 6.36 8.77 16.74
CA LEU A 371 5.15 8.22 17.35
C LEU A 371 3.96 9.16 17.18
N GLY A 372 4.00 9.98 16.13
CA GLY A 372 2.92 10.90 15.83
C GLY A 372 3.08 12.25 16.51
N THR A 373 4.07 12.36 17.39
CA THR A 373 4.30 13.59 18.13
C THR A 373 5.43 14.41 17.51
N SER A 374 5.27 15.73 17.51
CA SER A 374 6.29 16.61 16.98
C SER A 374 6.89 17.48 18.08
N LEU A 375 7.86 18.33 17.72
CA LEU A 375 8.53 19.17 18.69
C LEU A 375 7.65 20.32 19.16
N GLY A 376 6.64 20.66 18.38
CA GLY A 376 5.77 21.77 18.70
C GLY A 376 4.30 21.42 18.86
N GLN A 377 3.98 20.14 18.76
CA GLN A 377 2.58 19.70 18.86
C GLN A 377 2.47 18.23 19.22
N PRO A 378 1.56 17.91 20.16
CA PRO A 378 1.32 16.55 20.64
C PRO A 378 0.95 15.58 19.51
N TRP A 379 0.03 15.99 18.65
CA TRP A 379 -0.38 15.17 17.52
C TRP A 379 -0.39 16.01 16.25
N LYS A 380 0.65 15.84 15.43
CA LYS A 380 0.84 16.69 14.25
C LYS A 380 -0.28 16.54 13.24
N PHE A 381 -0.74 15.32 13.02
CA PHE A 381 -1.76 15.05 12.01
C PHE A 381 -3.14 15.53 12.49
N GLN A 382 -3.26 15.79 13.78
CA GLN A 382 -4.54 16.20 14.37
C GLN A 382 -5.14 17.39 13.64
N GLY A 383 -6.34 17.20 13.07
CA GLY A 383 -7.03 18.26 12.37
C GLY A 383 -6.92 18.12 10.86
N LYS A 384 -6.03 17.24 10.42
CA LYS A 384 -5.81 17.03 8.99
C LYS A 384 -6.49 15.74 8.51
N ASN A 385 -6.54 15.56 7.19
CA ASN A 385 -7.09 14.34 6.61
C ASN A 385 -6.11 13.70 5.63
N ALA A 386 -6.19 12.38 5.51
CA ALA A 386 -5.35 11.64 4.57
C ALA A 386 -6.08 10.41 4.05
N ILE A 387 -5.79 10.03 2.81
CA ILE A 387 -6.43 8.89 2.19
C ILE A 387 -5.45 7.76 1.91
N LEU A 388 -5.69 6.61 2.50
CA LEU A 388 -4.84 5.44 2.31
C LEU A 388 -5.49 4.44 1.36
N VAL A 389 -4.76 4.06 0.31
CA VAL A 389 -5.29 3.10 -0.65
C VAL A 389 -4.39 1.87 -0.74
N LEU A 390 -4.86 0.76 -0.18
CA LEU A 390 -4.11 -0.48 -0.21
C LEU A 390 -4.60 -1.41 -1.32
N ALA A 391 -3.70 -1.72 -2.24
CA ALA A 391 -4.01 -2.64 -3.33
C ALA A 391 -3.18 -3.92 -3.17
N ASN A 392 -3.72 -4.87 -2.43
CA ASN A 392 -3.02 -6.13 -2.16
C ASN A 392 -3.52 -7.26 -3.04
N ARG A 393 -2.62 -8.09 -3.51
CA ARG A 393 -2.97 -9.23 -4.36
C ARG A 393 -3.53 -10.37 -3.53
N CYS A 394 -4.11 -11.36 -4.22
CA CYS A 394 -4.59 -12.57 -3.56
C CYS A 394 -3.98 -13.80 -4.24
N GLY A 395 -4.42 -14.99 -3.83
CA GLY A 395 -3.94 -16.22 -4.42
C GLY A 395 -2.81 -16.87 -3.65
N THR A 396 -2.17 -17.85 -4.25
CA THR A 396 -1.12 -18.62 -3.60
C THR A 396 0.04 -18.90 -4.55
N GLU A 397 1.25 -19.00 -4.00
CA GLU A 397 2.43 -19.28 -4.81
C GLU A 397 3.38 -20.25 -4.11
N ASP A 398 4.00 -21.13 -4.90
CA ASP A 398 4.95 -22.11 -4.39
C ASP A 398 4.29 -23.15 -3.48
N GLY A 399 2.96 -23.07 -3.35
CA GLY A 399 2.23 -23.96 -2.48
C GLY A 399 2.58 -23.76 -1.02
N THR A 400 3.07 -22.56 -0.69
CA THR A 400 3.46 -22.24 0.68
C THR A 400 3.14 -20.79 1.03
N THR A 401 3.01 -19.95 0.01
CA THR A 401 2.76 -18.53 0.23
C THR A 401 1.32 -18.15 -0.10
N ILE A 402 0.59 -17.69 0.90
CA ILE A 402 -0.80 -17.27 0.73
C ILE A 402 -0.93 -15.77 0.96
N PHE A 403 -1.44 -15.06 -0.05
CA PHE A 403 -1.61 -13.61 0.05
C PHE A 403 -2.98 -13.26 0.62
N ALA A 404 -2.99 -12.31 1.55
CA ALA A 404 -4.20 -12.00 2.30
C ALA A 404 -5.22 -11.19 1.51
N GLY A 405 -4.76 -10.54 0.44
CA GLY A 405 -5.64 -9.70 -0.36
C GLY A 405 -6.22 -8.58 0.48
N SER A 406 -7.54 -8.57 0.61
CA SER A 406 -8.24 -7.61 1.44
C SER A 406 -7.99 -6.16 1.02
N SER A 407 -7.91 -5.94 -0.29
CA SER A 407 -7.72 -4.60 -0.81
C SER A 407 -8.83 -3.67 -0.36
N GLY A 408 -8.48 -2.46 0.04
CA GLY A 408 -9.46 -1.50 0.52
C GLY A 408 -8.99 -0.06 0.57
N ILE A 409 -9.89 0.82 0.97
CA ILE A 409 -9.57 2.25 1.08
C ILE A 409 -9.87 2.76 2.49
N TYR A 410 -8.95 3.54 3.04
CA TYR A 410 -9.08 4.04 4.39
C TYR A 410 -8.95 5.56 4.45
N LYS A 411 -9.59 6.17 5.43
CA LYS A 411 -9.49 7.61 5.63
C LYS A 411 -9.14 7.95 7.07
N PHE A 412 -8.15 8.83 7.24
CA PHE A 412 -7.76 9.31 8.55
C PHE A 412 -8.32 10.71 8.77
N ASN A 413 -9.34 10.81 9.63
CA ASN A 413 -10.02 12.07 9.86
C ASN A 413 -9.24 13.02 10.75
N GLY A 414 -8.31 12.48 11.53
CA GLY A 414 -7.50 13.28 12.42
C GLY A 414 -8.32 13.92 13.53
N LYS A 415 -9.49 13.34 13.80
CA LYS A 415 -10.36 13.85 14.84
C LYS A 415 -10.10 13.16 16.16
N LYS A 416 -10.45 13.82 17.26
CA LYS A 416 -10.25 13.27 18.59
C LYS A 416 -11.55 12.79 19.21
N SER A 427 -6.78 2.25 21.65
CA SER A 427 -7.26 1.63 20.42
C SER A 427 -6.19 1.66 19.32
N LEU A 428 -5.55 0.53 19.09
CA LEU A 428 -4.51 0.44 18.08
C LEU A 428 -4.90 -0.49 16.94
N ASP A 429 -6.18 -0.44 16.57
CA ASP A 429 -6.69 -1.27 15.47
C ASP A 429 -7.85 -0.59 14.76
N SER A 430 -8.73 -1.40 14.17
CA SER A 430 -9.87 -0.88 13.43
C SER A 430 -10.95 -0.32 14.34
N LEU A 431 -10.83 -0.60 15.64
CA LEU A 431 -11.77 -0.08 16.63
C LEU A 431 -11.56 1.42 16.85
N ASN A 432 -10.35 1.88 16.57
CA ASN A 432 -10.03 3.30 16.68
C ASN A 432 -10.82 4.09 15.64
N GLU A 433 -11.62 5.04 16.11
CA GLU A 433 -12.49 5.80 15.22
C GLU A 433 -11.78 7.00 14.60
N SER A 434 -10.46 7.01 14.69
CA SER A 434 -9.65 8.06 14.05
C SER A 434 -9.38 7.70 12.60
N VAL A 435 -9.83 6.51 12.20
CA VAL A 435 -9.69 6.04 10.82
C VAL A 435 -11.02 5.50 10.31
N GLU A 436 -11.31 5.78 9.04
CA GLU A 436 -12.57 5.33 8.44
C GLU A 436 -12.32 4.22 7.41
N LEU A 437 -12.92 3.06 7.64
CA LEU A 437 -12.81 1.95 6.70
C LEU A 437 -13.89 2.08 5.64
N LEU A 438 -13.53 2.66 4.49
CA LEU A 438 -14.49 2.97 3.44
C LEU A 438 -14.89 1.77 2.60
N GLY A 439 -14.18 0.65 2.79
CA GLY A 439 -14.50 -0.56 2.06
C GLY A 439 -13.31 -1.48 1.84
N ASN A 440 -13.58 -2.78 1.79
CA ASN A 440 -12.54 -3.78 1.58
C ASN A 440 -13.02 -4.89 0.66
N LEU A 441 -12.07 -5.61 0.07
CA LEU A 441 -12.40 -6.75 -0.78
C LEU A 441 -12.16 -8.05 -0.01
N GLY A 442 -12.47 -9.17 -0.67
CA GLY A 442 -12.26 -10.47 -0.07
C GLY A 442 -10.78 -10.77 0.09
N LYS A 443 -10.48 -11.87 0.78
CA LYS A 443 -9.09 -12.25 1.02
C LYS A 443 -8.55 -13.17 -0.06
N GLY A 444 -9.44 -13.74 -0.87
CA GLY A 444 -9.03 -14.70 -1.89
C GLY A 444 -9.82 -14.67 -3.18
N LEU A 445 -10.37 -13.51 -3.52
CA LEU A 445 -11.10 -13.36 -4.77
C LEU A 445 -10.62 -12.16 -5.56
N GLU A 446 -10.39 -12.35 -6.85
CA GLU A 446 -10.06 -11.24 -7.74
C GLU A 446 -11.28 -10.34 -7.86
N GLY A 447 -11.04 -9.03 -7.99
CA GLY A 447 -12.12 -8.08 -8.12
C GLY A 447 -11.64 -6.65 -8.08
N ALA A 448 -12.59 -5.72 -7.98
CA ALA A 448 -12.26 -4.30 -7.95
C ALA A 448 -13.26 -3.54 -7.10
N ILE A 449 -12.75 -2.72 -6.19
CA ILE A 449 -13.60 -1.93 -5.32
C ILE A 449 -13.50 -0.44 -5.66
N LEU A 450 -14.64 0.22 -5.76
CA LEU A 450 -14.67 1.65 -6.05
C LEU A 450 -15.38 2.40 -4.94
N ARG A 451 -14.80 3.51 -4.52
CA ARG A 451 -15.36 4.33 -3.46
C ARG A 451 -15.18 5.81 -3.74
N GLU A 452 -16.20 6.60 -3.43
CA GLU A 452 -16.12 8.05 -3.57
C GLU A 452 -15.62 8.68 -2.27
N VAL A 453 -14.30 8.79 -2.15
CA VAL A 453 -13.70 9.32 -0.94
C VAL A 453 -13.79 10.84 -0.88
N GLN A 454 -14.24 11.36 0.26
CA GLN A 454 -14.36 12.79 0.45
C GLN A 454 -13.61 13.25 1.69
N PHE A 455 -12.58 14.06 1.47
CA PHE A 455 -11.76 14.59 2.55
C PHE A 455 -11.53 16.08 2.34
N GLU A 456 -10.67 16.68 3.14
CA GLU A 456 -10.35 18.10 2.97
C GLU A 456 -8.84 18.34 3.03
N VAL A 457 -8.42 19.42 2.38
CA VAL A 457 -7.01 19.76 2.26
C VAL A 457 -6.83 21.24 2.59
N PHE A 458 -5.59 21.63 2.91
CA PHE A 458 -5.31 23.01 3.25
C PHE A 458 -4.27 23.65 2.33
N ARG A 459 -4.68 24.73 1.66
CA ARG A 459 -3.80 25.45 0.72
C ARG A 459 -3.68 26.92 1.09
N ASN B 1 6.04 -7.42 4.11
CA ASN B 1 5.14 -8.38 3.47
C ASN B 1 4.57 -9.37 4.49
N GLU B 2 5.09 -9.32 5.72
CA GLU B 2 4.57 -10.15 6.81
C GLU B 2 4.20 -9.29 8.01
N ALA B 3 3.33 -9.82 8.87
CA ALA B 3 2.91 -9.12 10.07
C ALA B 3 3.57 -9.72 11.31
#